data_4NPO
#
_entry.id   4NPO
#
_cell.length_a   80.390
_cell.length_b   80.390
_cell.length_c   69.920
_cell.angle_alpha   90.00
_cell.angle_beta   90.00
_cell.angle_gamma   120.00
#
_symmetry.space_group_name_H-M   'P 61'
#
loop_
_entity.id
_entity.type
_entity.pdbx_description
1 polymer 'Uncharacterized protein'
2 non-polymer 'ACETATE ION'
3 non-polymer GLYCEROL
4 non-polymer 'SULFATE ION'
5 non-polymer 'ACETYL GROUP'
6 water water
#
_entity_poly.entity_id   1
_entity_poly.type   'polypeptide(L)'
_entity_poly.pdbx_seq_one_letter_code
;HHHHHHGMSPQSMLTSPQHPRRTTMVISHGTLSASAEHAAHLRQLLVHIAQATRQEDGCLLYLVSEDLSQPGHFLITEHW
DNLGAMHTHLALPGVTQAIDALKHLNVTDLKITAYEAGEAINIMG
;
_entity_poly.pdbx_strand_id   A,B
#
loop_
_chem_comp.id
_chem_comp.type
_chem_comp.name
_chem_comp.formula
ACE non-polymer 'ACETYL GROUP' 'C2 H4 O'
ACT non-polymer 'ACETATE ION' 'C2 H3 O2 -1'
GOL non-polymer GLYCEROL 'C3 H8 O3'
SO4 non-polymer 'SULFATE ION' 'O4 S -2'
#
# COMPACT_ATOMS: atom_id res chain seq x y z
N THR A 24 -15.67 -8.19 -0.10
CA THR A 24 -15.03 -9.38 -0.71
C THR A 24 -13.92 -9.91 0.16
N MET A 25 -13.56 -9.17 1.21
CA MET A 25 -12.19 -9.16 1.64
C MET A 25 -11.96 -7.94 2.56
N VAL A 26 -10.93 -8.01 3.39
CA VAL A 26 -10.55 -6.92 4.25
C VAL A 26 -9.19 -6.40 3.82
N ILE A 27 -9.12 -5.07 3.67
CA ILE A 27 -7.89 -4.44 3.33
C ILE A 27 -7.34 -3.73 4.52
N SER A 28 -6.09 -3.94 4.87
CA SER A 28 -5.47 -3.21 5.95
C SER A 28 -4.37 -2.35 5.33
N HIS A 29 -4.31 -1.14 5.82
CA HIS A 29 -3.29 -0.18 5.44
C HIS A 29 -2.59 0.29 6.70
N GLY A 30 -1.28 0.07 6.77
CA GLY A 30 -0.47 0.45 7.89
C GLY A 30 0.64 1.37 7.50
N THR A 31 0.94 2.35 8.33
CA THR A 31 2.08 3.21 8.14
C THR A 31 2.89 3.32 9.35
N LEU A 32 4.19 3.47 9.19
CA LEU A 32 5.10 3.58 10.29
C LEU A 32 6.41 4.13 9.83
N SER A 33 7.20 4.64 10.75
CA SER A 33 8.54 5.12 10.42
C SER A 33 9.49 4.86 11.53
N ALA A 34 10.79 4.91 11.24
CA ALA A 34 11.81 4.79 12.26
C ALA A 34 12.83 5.87 11.98
N SER A 35 13.64 6.09 13.01
CA SER A 35 14.75 7.03 12.89
C SER A 35 15.71 6.50 11.85
N ALA A 36 16.59 7.38 11.41
CA ALA A 36 17.56 7.01 10.43
C ALA A 36 18.44 5.86 10.89
N GLU A 37 18.86 5.91 12.15
CA GLU A 37 19.69 4.87 12.73
C GLU A 37 19.02 3.50 12.65
N HIS A 38 17.69 3.49 12.87
CA HIS A 38 16.94 2.25 12.94
C HIS A 38 16.27 1.78 11.67
N ALA A 39 16.28 2.61 10.64
CA ALA A 39 15.55 2.30 9.40
C ALA A 39 15.95 0.98 8.80
N ALA A 40 17.25 0.67 8.68
CA ALA A 40 17.65 -0.54 8.04
C ALA A 40 17.18 -1.77 8.76
N HIS A 41 17.28 -1.75 10.07
CA HIS A 41 16.75 -2.87 10.85
C HIS A 41 15.25 -2.98 10.71
N LEU A 42 14.59 -1.84 10.66
CA LEU A 42 13.12 -1.85 10.40
C LEU A 42 12.80 -2.54 9.07
N ARG A 43 13.53 -2.22 8.01
CA ARG A 43 13.30 -2.83 6.73
C ARG A 43 13.40 -4.35 6.87
N GLN A 44 14.46 -4.81 7.56
CA GLN A 44 14.63 -6.22 7.75
C GLN A 44 13.51 -6.87 8.55
N LEU A 45 13.07 -6.21 9.61
CA LEU A 45 12.01 -6.74 10.41
C LEU A 45 10.70 -6.82 9.59
N LEU A 46 10.43 -5.78 8.82
CA LEU A 46 9.24 -5.81 8.00
C LEU A 46 9.25 -6.93 6.98
N VAL A 47 10.38 -7.12 6.30
CA VAL A 47 10.51 -8.23 5.38
C VAL A 47 10.25 -9.56 6.07
N HIS A 48 10.79 -9.72 7.25
CA HIS A 48 10.55 -10.95 8.03
C HIS A 48 9.10 -11.11 8.39
N ILE A 49 8.46 -10.05 8.84
CA ILE A 49 7.06 -10.16 9.18
C ILE A 49 6.23 -10.57 7.97
N ALA A 50 6.49 -9.95 6.81
CA ALA A 50 5.75 -10.28 5.62
C ALA A 50 5.92 -11.75 5.20
N GLN A 51 7.15 -12.23 5.27
CA GLN A 51 7.49 -13.63 4.85
C GLN A 51 6.66 -14.53 5.71
N ALA A 52 6.58 -14.24 6.99
CA ALA A 52 5.81 -15.12 7.93
C ALA A 52 4.35 -15.01 7.64
N THR A 53 3.85 -13.79 7.48
CA THR A 53 2.42 -13.58 7.45
C THR A 53 1.77 -14.11 6.19
N ARG A 54 2.48 -14.08 5.08
CA ARG A 54 1.89 -14.50 3.83
C ARG A 54 1.48 -15.96 3.85
N GLN A 55 2.04 -16.72 4.74
CA GLN A 55 1.79 -18.17 4.86
C GLN A 55 0.51 -18.40 5.66
N GLU A 56 -0.02 -17.39 6.34
CA GLU A 56 -1.12 -17.61 7.26
C GLU A 56 -2.44 -17.76 6.57
N ASP A 57 -3.33 -18.52 7.25
CA ASP A 57 -4.65 -18.71 6.79
C ASP A 57 -5.34 -17.40 6.51
N GLY A 58 -5.91 -17.31 5.33
CA GLY A 58 -6.73 -16.19 4.95
C GLY A 58 -5.90 -14.97 4.48
N CYS A 59 -4.58 -15.08 4.48
CA CYS A 59 -3.76 -13.94 4.02
C CYS A 59 -3.67 -14.00 2.50
N LEU A 60 -4.30 -13.05 1.84
CA LEU A 60 -4.28 -13.00 0.38
C LEU A 60 -3.12 -12.20 -0.11
N LEU A 61 -2.68 -11.24 0.68
CA LEU A 61 -1.60 -10.35 0.29
C LEU A 61 -1.00 -9.75 1.53
N TYR A 62 0.30 -9.68 1.57
CA TYR A 62 0.99 -8.94 2.64
C TYR A 62 2.24 -8.39 2.05
N LEU A 63 2.27 -7.08 1.85
CA LEU A 63 3.39 -6.38 1.23
C LEU A 63 3.89 -5.31 2.14
N VAL A 64 5.17 -5.20 2.26
CA VAL A 64 5.81 -4.14 3.02
C VAL A 64 6.62 -3.32 2.03
N SER A 65 6.47 -2.02 2.10
CA SER A 65 7.06 -1.15 1.09
C SER A 65 7.53 0.14 1.72
N GLU A 66 8.39 0.87 0.99
CA GLU A 66 8.94 2.15 1.45
C GLU A 66 8.52 3.23 0.52
N ASP A 67 8.03 4.31 1.12
CA ASP A 67 7.55 5.45 0.39
C ASP A 67 8.65 6.09 -0.44
N LEU A 68 8.50 6.13 -1.75
CA LEU A 68 9.55 6.71 -2.59
C LEU A 68 9.71 8.18 -2.33
N SER A 69 8.65 8.84 -1.89
CA SER A 69 8.70 10.29 -1.68
C SER A 69 9.27 10.60 -0.32
N GLN A 70 9.36 9.64 0.60
CA GLN A 70 9.76 9.90 1.98
C GLN A 70 10.51 8.70 2.50
N PRO A 71 11.82 8.62 2.29
CA PRO A 71 12.60 7.52 2.79
C PRO A 71 12.45 7.34 4.26
N GLY A 72 12.41 6.12 4.72
CA GLY A 72 12.27 5.82 6.11
C GLY A 72 10.84 5.78 6.62
N HIS A 73 9.91 5.96 5.67
CA HIS A 73 8.47 5.84 5.94
C HIS A 73 7.98 4.65 5.18
N PHE A 74 7.29 3.78 5.90
CA PHE A 74 6.94 2.47 5.41
C PHE A 74 5.44 2.24 5.38
N LEU A 75 5.00 1.33 4.51
CA LEU A 75 3.65 0.97 4.32
C LEU A 75 3.55 -0.52 4.48
N ILE A 76 2.47 -0.95 5.13
CA ILE A 76 2.09 -2.34 5.26
C ILE A 76 0.76 -2.50 4.59
N THR A 77 0.68 -3.29 3.54
CA THR A 77 -0.51 -3.48 2.75
C THR A 77 -0.93 -4.91 2.91
N GLU A 78 -2.13 -5.16 3.43
CA GLU A 78 -2.56 -6.50 3.71
C GLU A 78 -3.94 -6.69 3.13
N HIS A 79 -4.19 -7.85 2.53
CA HIS A 79 -5.51 -8.26 2.13
C HIS A 79 -5.81 -9.57 2.84
N TRP A 80 -6.94 -9.62 3.51
CA TRP A 80 -7.38 -10.81 4.25
C TRP A 80 -8.70 -11.23 3.67
N ASP A 81 -8.93 -12.55 3.74
CA ASP A 81 -10.13 -13.11 3.20
C ASP A 81 -11.34 -12.59 3.93
N ASN A 82 -11.19 -12.36 5.23
CA ASN A 82 -12.28 -11.84 6.03
C ASN A 82 -11.74 -11.22 7.32
N LEU A 83 -12.58 -10.50 8.02
CA LEU A 83 -12.17 -9.85 9.23
C LEU A 83 -11.69 -10.86 10.25
N GLY A 84 -12.32 -12.01 10.30
CA GLY A 84 -11.90 -12.99 11.27
C GLY A 84 -10.48 -13.45 11.09
N ALA A 85 -10.06 -13.66 9.84
CA ALA A 85 -8.70 -14.07 9.55
C ALA A 85 -7.70 -13.02 9.97
N MET A 86 -8.06 -11.74 9.78
CA MET A 86 -7.21 -10.67 10.23
C MET A 86 -7.12 -10.66 11.75
N HIS A 87 -8.26 -10.89 12.38
CA HIS A 87 -8.24 -10.86 13.84
CA HIS A 87 -8.34 -10.94 13.83
C HIS A 87 -7.43 -12.02 14.41
N THR A 88 -7.49 -13.20 13.80
CA THR A 88 -6.66 -14.30 14.24
C THR A 88 -5.22 -13.88 14.11
N HIS A 89 -4.81 -13.32 12.99
CA HIS A 89 -3.44 -12.86 12.80
C HIS A 89 -3.02 -11.90 13.89
N LEU A 90 -3.86 -10.92 14.15
CA LEU A 90 -3.52 -9.89 15.12
C LEU A 90 -3.35 -10.44 16.53
N ALA A 91 -4.04 -11.53 16.82
CA ALA A 91 -3.96 -12.17 18.13
C ALA A 91 -2.82 -13.15 18.29
N LEU A 92 -2.08 -13.42 17.24
CA LEU A 92 -0.97 -14.37 17.35
C LEU A 92 0.12 -13.89 18.29
N PRO A 93 0.62 -14.76 19.15
CA PRO A 93 1.76 -14.37 19.94
C PRO A 93 2.94 -13.84 19.13
N GLY A 94 3.11 -14.36 17.93
CA GLY A 94 4.24 -13.92 17.09
C GLY A 94 4.04 -12.51 16.64
N VAL A 95 2.78 -12.10 16.44
CA VAL A 95 2.50 -10.74 16.07
C VAL A 95 2.72 -9.82 17.22
N THR A 96 2.33 -10.22 18.43
CA THR A 96 2.71 -9.44 19.60
C THR A 96 4.21 -9.29 19.70
N GLN A 97 4.94 -10.35 19.44
CA GLN A 97 6.41 -10.26 19.53
C GLN A 97 6.94 -9.31 18.45
N ALA A 98 6.30 -9.31 17.28
CA ALA A 98 6.77 -8.38 16.26
C ALA A 98 6.53 -6.96 16.65
N ILE A 99 5.38 -6.66 17.25
CA ILE A 99 5.07 -5.32 17.68
C ILE A 99 6.06 -4.91 18.73
N ASP A 100 6.42 -5.83 19.62
CA ASP A 100 7.48 -5.58 20.58
C ASP A 100 8.84 -5.24 19.90
N ALA A 101 9.15 -5.95 18.83
CA ALA A 101 10.38 -5.73 18.08
C ALA A 101 10.37 -4.34 17.43
N LEU A 102 9.19 -3.88 17.00
CA LEU A 102 9.05 -2.52 16.52
C LEU A 102 9.34 -1.52 17.61
N LYS A 103 8.80 -1.77 18.80
CA LYS A 103 9.04 -0.87 19.92
C LYS A 103 10.52 -0.81 20.28
N HIS A 104 11.20 -1.95 20.15
CA HIS A 104 12.64 -1.99 20.43
C HIS A 104 13.42 -1.09 19.45
N LEU A 105 12.89 -0.87 18.26
CA LEU A 105 13.50 0.04 17.33
C LEU A 105 13.00 1.45 17.49
N ASN A 106 12.27 1.70 18.58
CA ASN A 106 11.71 3.02 18.85
C ASN A 106 10.67 3.57 17.84
N VAL A 107 9.96 2.62 17.20
CA VAL A 107 8.84 2.95 16.37
C VAL A 107 7.70 3.27 17.30
N THR A 108 7.18 4.44 17.13
CA THR A 108 6.06 4.91 17.98
C THR A 108 4.88 5.33 17.21
N ASP A 109 4.97 5.34 15.88
CA ASP A 109 3.93 5.86 15.01
C ASP A 109 3.18 4.83 14.15
N LEU A 110 3.24 3.56 14.50
CA LEU A 110 2.54 2.54 13.74
C LEU A 110 1.06 2.82 13.78
N LYS A 111 0.40 3.00 12.65
CA LYS A 111 -0.98 3.20 12.54
C LYS A 111 -1.55 2.22 11.53
N ILE A 112 -2.54 1.46 11.90
CA ILE A 112 -3.13 0.45 11.05
C ILE A 112 -4.62 0.68 11.02
N THR A 113 -5.16 0.74 9.81
CA THR A 113 -6.59 0.90 9.57
C THR A 113 -7.02 -0.18 8.68
N ALA A 114 -8.13 -0.85 8.99
CA ALA A 114 -8.65 -1.92 8.17
C ALA A 114 -9.99 -1.51 7.58
N TYR A 115 -10.28 -2.00 6.40
CA TYR A 115 -11.50 -1.64 5.69
C TYR A 115 -12.12 -2.89 5.09
N GLU A 116 -13.40 -3.01 5.32
CA GLU A 116 -14.18 -4.01 4.61
C GLU A 116 -14.39 -3.59 3.18
N ALA A 117 -13.83 -4.34 2.26
CA ALA A 117 -13.81 -3.97 0.87
C ALA A 117 -14.95 -4.58 0.11
N GLY A 118 -15.53 -3.82 -0.78
CA GLY A 118 -16.49 -4.35 -1.76
C GLY A 118 -15.85 -5.06 -2.90
N GLU A 119 -16.61 -5.27 -3.94
CA GLU A 119 -16.12 -6.05 -5.01
C GLU A 119 -15.02 -5.29 -5.76
N ALA A 120 -14.09 -6.06 -6.31
CA ALA A 120 -13.00 -5.50 -7.12
C ALA A 120 -13.53 -4.67 -8.25
N ILE A 121 -12.93 -3.52 -8.45
CA ILE A 121 -13.15 -2.66 -9.59
C ILE A 121 -11.85 -2.70 -10.39
N ASN A 122 -11.84 -3.34 -11.54
CA ASN A 122 -10.63 -3.48 -12.31
C ASN A 122 -10.36 -2.24 -13.10
N ILE A 123 -9.29 -1.59 -12.83
CA ILE A 123 -8.93 -0.34 -13.49
C ILE A 123 -7.83 -0.57 -14.54
N MET A 124 -6.80 -1.32 -14.22
CA MET A 124 -5.78 -1.73 -15.21
C MET A 124 -5.37 -3.12 -14.93
N GLY A 125 -5.08 -3.83 -16.02
CA GLY A 125 -4.49 -5.12 -15.90
C GLY A 125 -5.52 -6.11 -15.44
N ARG B 21 -17.18 4.89 11.74
CA ARG B 21 -16.59 3.82 10.86
C ARG B 21 -17.28 3.68 9.52
N ARG B 22 -18.47 4.29 9.39
CA ARG B 22 -19.12 4.39 8.09
C ARG B 22 -18.18 5.16 7.16
N THR B 23 -18.12 4.75 5.90
CA THR B 23 -17.22 5.44 4.99
C THR B 23 -17.68 5.30 3.55
N THR B 24 -17.35 6.30 2.76
CA THR B 24 -17.58 6.26 1.31
C THR B 24 -16.24 6.08 0.63
N MET B 25 -15.17 5.86 1.41
CA MET B 25 -13.82 5.94 0.86
C MET B 25 -13.62 4.82 -0.09
N VAL B 26 -12.82 5.09 -1.11
CA VAL B 26 -12.42 4.10 -2.11
C VAL B 26 -10.93 3.89 -2.00
N ILE B 27 -10.52 2.65 -2.05
CA ILE B 27 -9.13 2.29 -1.98
C ILE B 27 -8.73 1.82 -3.35
N SER B 28 -7.59 2.25 -3.86
CA SER B 28 -7.00 1.67 -5.07
C SER B 28 -5.64 1.10 -4.74
N HIS B 29 -5.39 -0.09 -5.26
CA HIS B 29 -4.16 -0.83 -5.05
C HIS B 29 -3.59 -1.12 -6.43
N GLY B 30 -2.41 -0.58 -6.69
CA GLY B 30 -1.76 -0.78 -7.96
C GLY B 30 -0.38 -1.31 -7.75
N THR B 31 0.00 -2.19 -8.66
CA THR B 31 1.35 -2.74 -8.69
C THR B 31 1.92 -2.67 -10.07
N LEU B 32 3.24 -2.60 -10.18
CA LEU B 32 3.96 -2.56 -11.43
C LEU B 32 5.40 -2.84 -11.15
N SER B 33 6.15 -3.19 -12.19
CA SER B 33 7.56 -3.38 -12.05
C SER B 33 8.30 -2.85 -13.23
N ALA B 34 9.60 -2.64 -13.03
CA ALA B 34 10.47 -2.20 -14.11
C ALA B 34 11.80 -2.94 -13.93
N SER B 35 12.43 -3.14 -15.05
CA SER B 35 13.80 -3.70 -15.02
C SER B 35 14.78 -2.71 -14.50
N ALA B 36 15.98 -3.18 -14.18
CA ALA B 36 16.95 -2.31 -13.64
C ALA B 36 17.41 -1.18 -14.54
N GLU B 37 17.25 -1.39 -15.81
CA GLU B 37 17.55 -0.40 -16.84
C GLU B 37 16.67 0.84 -16.67
N HIS B 38 15.43 0.62 -16.26
CA HIS B 38 14.41 1.69 -16.27
C HIS B 38 13.92 2.08 -14.89
N ALA B 39 14.27 1.31 -13.87
CA ALA B 39 13.66 1.50 -12.57
C ALA B 39 13.98 2.85 -11.94
N ALA B 40 15.17 3.38 -12.12
CA ALA B 40 15.44 4.67 -11.55
C ALA B 40 14.55 5.73 -12.13
N HIS B 41 14.38 5.67 -13.43
CA HIS B 41 13.47 6.60 -14.04
C HIS B 41 12.07 6.41 -13.53
N LEU B 42 11.68 5.16 -13.37
CA LEU B 42 10.36 4.87 -12.86
C LEU B 42 10.16 5.45 -11.49
N ARG B 43 11.12 5.33 -10.57
CA ARG B 43 10.97 5.87 -9.26
C ARG B 43 10.67 7.34 -9.32
N GLN B 44 11.44 8.07 -10.13
CA GLN B 44 11.23 9.47 -10.23
C GLN B 44 9.88 9.79 -10.85
N LEU B 45 9.46 9.09 -11.86
CA LEU B 45 8.17 9.27 -12.49
C LEU B 45 7.04 9.02 -11.51
N LEU B 46 7.15 7.98 -10.72
CA LEU B 46 6.12 7.70 -9.74
C LEU B 46 6.01 8.80 -8.72
N VAL B 47 7.12 9.32 -8.25
CA VAL B 47 7.09 10.44 -7.31
C VAL B 47 6.41 11.66 -7.92
N HIS B 48 6.71 11.92 -9.17
CA HIS B 48 6.10 13.06 -9.88
C HIS B 48 4.59 12.84 -10.01
N ILE B 49 4.20 11.65 -10.39
CA ILE B 49 2.78 11.35 -10.56
C ILE B 49 2.08 11.55 -9.21
N ALA B 50 2.66 11.07 -8.11
CA ALA B 50 2.06 11.15 -6.79
C ALA B 50 1.91 12.59 -6.37
N GLN B 51 2.95 13.38 -6.59
CA GLN B 51 2.92 14.79 -6.16
C GLN B 51 1.75 15.51 -6.82
N ALA B 52 1.54 15.22 -8.07
CA ALA B 52 0.45 15.88 -8.82
C ALA B 52 -0.88 15.35 -8.35
N THR B 53 -0.96 14.04 -8.29
CA THR B 53 -2.28 13.47 -8.12
C THR B 53 -2.86 13.73 -6.72
N ARG B 54 -2.03 13.83 -5.68
CA ARG B 54 -2.44 14.10 -4.36
C ARG B 54 -3.23 15.39 -4.24
N GLN B 55 -3.05 16.29 -5.19
CA GLN B 55 -3.75 17.56 -5.18
C GLN B 55 -5.06 17.52 -5.90
N GLU B 56 -5.46 16.40 -6.46
CA GLU B 56 -6.74 16.26 -7.10
C GLU B 56 -7.86 16.21 -6.11
N ASP B 57 -9.07 16.51 -6.60
CA ASP B 57 -10.24 16.58 -5.79
C ASP B 57 -10.48 15.28 -5.09
N GLY B 58 -10.59 15.29 -3.78
CA GLY B 58 -10.98 14.13 -3.07
C GLY B 58 -9.89 13.10 -2.93
N CYS B 59 -8.66 13.44 -3.26
CA CYS B 59 -7.54 12.48 -3.10
C CYS B 59 -7.09 12.55 -1.67
N LEU B 60 -7.40 11.52 -0.89
CA LEU B 60 -7.00 11.52 0.51
C LEU B 60 -5.63 10.98 0.73
N LEU B 61 -5.13 10.21 -0.20
CA LEU B 61 -3.85 9.56 -0.12
C LEU B 61 -3.42 9.12 -1.50
N TYR B 62 -2.18 9.39 -1.89
CA TYR B 62 -1.59 8.82 -3.07
C TYR B 62 -0.15 8.57 -2.79
N LEU B 63 0.17 7.33 -2.47
CA LEU B 63 1.49 6.96 -2.00
C LEU B 63 2.07 6.03 -3.03
N VAL B 64 3.28 6.31 -3.45
CA VAL B 64 4.05 5.44 -4.31
C VAL B 64 5.15 4.87 -3.50
N SER B 65 5.29 3.55 -3.56
CA SER B 65 6.28 2.89 -2.73
C SER B 65 6.91 1.73 -3.44
N GLU B 66 8.03 1.24 -2.89
CA GLU B 66 8.77 0.16 -3.46
C GLU B 66 8.78 -1.01 -2.49
N ASP B 67 8.45 -2.18 -2.99
CA ASP B 67 8.35 -3.41 -2.24
C ASP B 67 9.68 -3.75 -1.61
N LEU B 68 9.76 -3.76 -0.28
CA LEU B 68 10.99 -4.09 0.43
C LEU B 68 11.48 -5.51 0.15
N SER B 69 10.56 -6.36 -0.23
CA SER B 69 10.88 -7.80 -0.51
C SER B 69 11.26 -7.97 -1.97
N GLN B 70 11.04 -7.00 -2.82
CA GLN B 70 11.17 -7.17 -4.24
C GLN B 70 11.56 -5.84 -4.86
N PRO B 71 12.85 -5.49 -4.82
CA PRO B 71 13.30 -4.31 -5.47
C PRO B 71 12.85 -4.29 -6.95
N GLY B 72 12.46 -3.13 -7.44
CA GLY B 72 11.95 -3.01 -8.75
C GLY B 72 10.49 -3.26 -8.90
N HIS B 73 9.83 -3.58 -7.79
CA HIS B 73 8.42 -3.78 -7.80
CA HIS B 73 8.35 -3.91 -7.70
C HIS B 73 7.78 -2.73 -6.91
N PHE B 74 6.83 -2.03 -7.51
CA PHE B 74 6.28 -0.81 -6.96
C PHE B 74 4.80 -0.98 -6.67
N LEU B 75 4.38 -0.14 -5.74
CA LEU B 75 2.99 -0.06 -5.32
C LEU B 75 2.48 1.34 -5.47
N ILE B 76 1.23 1.44 -5.87
CA ILE B 76 0.53 2.71 -5.94
C ILE B 76 -0.67 2.55 -5.03
N THR B 77 -0.74 3.26 -3.91
CA THR B 77 -1.75 3.13 -2.88
C THR B 77 -2.54 4.41 -2.86
N GLU B 78 -3.82 4.35 -3.14
CA GLU B 78 -4.65 5.56 -3.24
C GLU B 78 -5.85 5.41 -2.37
N HIS B 79 -6.24 6.51 -1.74
CA HIS B 79 -7.52 6.61 -1.03
C HIS B 79 -8.24 7.81 -1.60
N TRP B 80 -9.46 7.58 -2.06
CA TRP B 80 -10.28 8.63 -2.60
C TRP B 80 -11.49 8.79 -1.72
N ASP B 81 -11.99 10.01 -1.59
CA ASP B 81 -13.07 10.32 -0.70
C ASP B 81 -14.29 9.47 -0.97
N ASN B 82 -14.56 9.25 -2.26
CA ASN B 82 -15.72 8.52 -2.71
C ASN B 82 -15.49 8.10 -4.14
N LEU B 83 -16.38 7.26 -4.66
CA LEU B 83 -16.27 6.79 -6.05
C LEU B 83 -16.29 7.93 -7.06
N GLY B 84 -17.08 8.96 -6.79
CA GLY B 84 -17.15 10.08 -7.68
C GLY B 84 -15.81 10.78 -7.85
N ALA B 85 -15.10 10.92 -6.74
CA ALA B 85 -13.77 11.54 -6.78
C ALA B 85 -12.80 10.69 -7.59
N MET B 86 -12.81 9.38 -7.34
CA MET B 86 -11.97 8.51 -8.14
C MET B 86 -12.33 8.56 -9.64
N HIS B 87 -13.63 8.59 -9.88
CA HIS B 87 -14.09 8.71 -11.27
C HIS B 87 -13.61 9.98 -11.95
N THR B 88 -13.67 11.09 -11.24
CA THR B 88 -13.18 12.32 -11.77
C THR B 88 -11.72 12.20 -12.13
N HIS B 89 -10.93 11.60 -11.25
CA HIS B 89 -9.56 11.38 -11.52
C HIS B 89 -9.34 10.52 -12.78
N LEU B 90 -10.10 9.45 -12.89
CA LEU B 90 -9.98 8.55 -14.04
C LEU B 90 -10.49 9.21 -15.31
N ALA B 91 -11.41 10.15 -15.20
CA ALA B 91 -12.04 10.71 -16.40
C ALA B 91 -11.42 11.99 -16.90
N LEU B 92 -10.81 12.78 -16.03
CA LEU B 92 -10.17 14.00 -16.46
C LEU B 92 -8.90 13.66 -17.14
N PRO B 93 -8.39 14.54 -18.01
CA PRO B 93 -7.26 14.21 -18.76
C PRO B 93 -6.05 13.85 -17.92
N GLY B 94 -5.21 13.01 -18.47
CA GLY B 94 -3.90 12.77 -17.95
C GLY B 94 -3.61 11.32 -17.59
N VAL B 95 -4.66 10.52 -17.54
CA VAL B 95 -4.51 9.13 -17.17
C VAL B 95 -3.77 8.32 -18.21
N THR B 96 -4.24 8.41 -19.44
CA THR B 96 -3.63 7.73 -20.58
C THR B 96 -2.22 8.22 -20.69
N GLN B 97 -2.02 9.52 -20.49
CA GLN B 97 -0.70 10.10 -20.61
C GLN B 97 0.25 9.47 -19.57
N ALA B 98 -0.22 9.34 -18.35
CA ALA B 98 0.65 8.75 -17.31
C ALA B 98 0.94 7.31 -17.63
N ILE B 99 -0.06 6.56 -18.03
CA ILE B 99 0.15 5.19 -18.47
C ILE B 99 1.12 5.09 -19.61
N ASP B 100 1.02 5.98 -20.57
CA ASP B 100 1.98 5.95 -21.65
C ASP B 100 3.39 6.25 -21.18
N ALA B 101 3.52 7.10 -20.17
CA ALA B 101 4.87 7.43 -19.63
C ALA B 101 5.42 6.15 -19.00
N LEU B 102 4.56 5.37 -18.34
CA LEU B 102 4.99 4.10 -17.76
C LEU B 102 5.40 3.14 -18.87
N LYS B 103 4.59 3.09 -19.91
CA LYS B 103 4.89 2.20 -21.05
C LYS B 103 6.20 2.57 -21.70
N HIS B 104 6.53 3.86 -21.70
CA HIS B 104 7.79 4.34 -22.26
C HIS B 104 9.01 3.74 -21.52
N LEU B 105 8.81 3.38 -20.26
CA LEU B 105 9.82 2.73 -19.43
C LEU B 105 9.71 1.23 -19.49
N ASN B 106 8.97 0.70 -20.44
CA ASN B 106 8.76 -0.72 -20.68
C ASN B 106 8.09 -1.45 -19.52
N VAL B 107 7.26 -0.69 -18.79
CA VAL B 107 6.37 -1.30 -17.85
C VAL B 107 5.22 -1.94 -18.60
N THR B 108 5.05 -3.21 -18.38
CA THR B 108 3.99 -3.99 -19.07
C THR B 108 3.03 -4.68 -18.11
N ASP B 109 3.25 -4.53 -16.78
CA ASP B 109 2.56 -5.29 -15.79
C ASP B 109 1.75 -4.42 -14.80
N LEU B 110 1.42 -3.22 -15.18
CA LEU B 110 0.61 -2.37 -14.31
C LEU B 110 -0.72 -3.02 -14.06
N LYS B 111 -1.07 -3.21 -12.81
CA LYS B 111 -2.35 -3.73 -12.42
C LYS B 111 -2.86 -2.78 -11.36
N ILE B 112 -4.09 -2.35 -11.56
CA ILE B 112 -4.73 -1.45 -10.61
C ILE B 112 -6.14 -1.96 -10.34
N THR B 113 -6.47 -2.15 -9.07
CA THR B 113 -7.75 -2.62 -8.65
C THR B 113 -8.25 -1.73 -7.56
N ALA B 114 -9.48 -1.28 -7.62
CA ALA B 114 -10.03 -0.42 -6.58
C ALA B 114 -11.21 -1.10 -5.93
N TYR B 115 -11.55 -0.60 -4.74
CA TYR B 115 -12.58 -1.19 -3.92
C TYR B 115 -13.26 -0.10 -3.15
N GLU B 116 -14.58 -0.16 -3.05
CA GLU B 116 -15.26 0.67 -2.15
C GLU B 116 -15.03 0.14 -0.79
N ALA B 117 -14.67 0.97 0.14
CA ALA B 117 -14.47 0.54 1.53
C ALA B 117 -15.80 0.79 2.26
N GLY B 118 -16.32 -0.23 2.95
CA GLY B 118 -17.71 -0.24 3.48
C GLY B 118 -17.68 0.16 4.94
N GLU B 119 -16.51 -0.01 5.53
CA GLU B 119 -16.33 0.36 6.92
C GLU B 119 -14.85 0.55 7.08
N ALA B 120 -14.46 1.55 7.88
CA ALA B 120 -13.10 1.92 8.25
C ALA B 120 -12.85 1.69 9.76
N ILE B 121 -11.92 0.84 10.06
CA ILE B 121 -11.79 0.22 11.36
C ILE B 121 -10.40 0.52 11.85
N ASN B 122 -10.29 1.30 12.92
CA ASN B 122 -8.99 1.56 13.49
C ASN B 122 -8.48 0.34 14.20
N ILE B 123 -7.31 -0.15 13.88
CA ILE B 123 -6.71 -1.32 14.49
C ILE B 123 -5.77 -0.85 15.53
N MET B 124 -4.82 0.02 15.22
CA MET B 124 -3.98 0.58 16.23
C MET B 124 -3.46 1.91 15.77
N GLY B 125 -2.98 2.67 16.73
CA GLY B 125 -2.36 3.94 16.48
C GLY B 125 -3.31 5.01 16.00
C ACT C . 0.00 -6.45 11.19
O ACT C . 0.53 -7.41 10.61
OXT ACT C . -0.86 -5.71 10.67
CH3 ACT C . 0.49 -6.17 12.56
C ACT D . 4.36 1.36 17.87
O ACT D . 4.15 1.34 19.13
OXT ACT D . 4.13 2.37 17.16
CH3 ACT D . 4.98 0.14 17.28
C1 GOL E . 16.66 7.41 17.43
O1 GOL E . 17.60 6.52 16.77
C2 GOL E . 15.40 6.62 17.71
O2 GOL E . 15.74 5.71 18.75
C3 GOL E . 14.21 7.49 18.03
O3 GOL E . 13.16 7.24 17.08
C ACT F . 1.41 -0.83 -18.55
O ACT F . 1.58 -1.89 -17.92
OXT ACT F . 0.72 -0.79 -19.62
CH3 ACT F . 2.04 0.45 -18.14
S SO4 G . -5.16 11.80 -21.83
O1 SO4 G . -6.35 10.96 -22.05
O2 SO4 G . -4.29 11.32 -20.70
O3 SO4 G . -4.36 11.65 -23.05
O4 SO4 G . -5.60 13.16 -21.52
C ACE H . -17.05 11.79 -11.11
O ACE H . -17.87 12.34 -10.29
CH3 ACE H . -16.48 12.47 -12.37
C ACE I . -3.73 6.01 -11.36
O ACE I . -4.07 6.69 -10.38
CH3 ACE I . -4.82 5.54 -12.30
#